data_4BQ1
#
_entry.id   4BQ1
#
_cell.length_a   44.559
_cell.length_b   76.564
_cell.length_c   142.119
_cell.angle_alpha   90.00
_cell.angle_beta   90.00
_cell.angle_gamma   90.00
#
_symmetry.space_group_name_H-M   'P 21 21 21'
#
loop_
_entity.id
_entity.type
_entity.pdbx_description
1 polymer 'ENDO-1,3-BETA-GLUCANASE, FAMILY GH16'
2 non-polymer 'CALCIUM ION'
3 non-polymer GLYCEROL
4 water water
#
_entity_poly.entity_id   1
_entity_poly.type   'polypeptide(L)'
_entity_poly.pdbx_seq_one_letter_code
;HHHHHHGSAFNTLVFSDEFEYEGKPDPEKWHYQVIPPNNGSWHNNELQHYTNRSENSFVSDGTLKIRAIKEKYTFEGSTK
DYTSARLNSKFAFTYGKVEVRAKLPSKKGTWPAIWTLGANSNETGNYFGEQYGNAEWPACGEIDILEQNGWDKESTIAHF
HWSDLNSDEYQNLGGTTPITNASGSFHVYSLEWNASAMKVFLDDTLVYELKNSQNTPYNAPHYLLLNIAMGGTLGGDIPE
NFTDDIFEIDYVRIYQ
;
_entity_poly.pdbx_strand_id   A,B
#
loop_
_chem_comp.id
_chem_comp.type
_chem_comp.name
_chem_comp.formula
CA non-polymer 'CALCIUM ION' 'Ca 2'
GOL non-polymer GLYCEROL 'C3 H8 O3'
#
# COMPACT_ATOMS: atom_id res chain seq x y z
N HIS A 6 -1.95 11.52 -22.31
CA HIS A 6 -1.76 11.37 -20.89
C HIS A 6 -2.12 9.98 -20.40
N GLY A 7 -1.30 9.42 -19.52
CA GLY A 7 -1.69 8.11 -18.90
C GLY A 7 -1.26 6.91 -19.69
N SER A 8 -0.60 7.14 -20.79
CA SER A 8 -0.11 6.02 -21.61
C SER A 8 0.88 5.00 -20.89
N ALA A 9 1.64 5.47 -19.88
CA ALA A 9 2.47 4.58 -18.95
C ALA A 9 1.71 3.43 -18.33
N PHE A 10 0.41 3.54 -18.21
CA PHE A 10 -0.35 2.53 -17.42
C PHE A 10 -1.06 1.65 -18.44
N ASN A 11 -0.40 0.58 -18.82
CA ASN A 11 -0.85 -0.03 -20.01
C ASN A 11 -1.22 -1.52 -19.82
N THR A 12 -1.19 -2.04 -18.57
CA THR A 12 -1.56 -3.41 -18.27
C THR A 12 -2.99 -3.41 -17.62
N LEU A 13 -3.96 -3.98 -18.33
CA LEU A 13 -5.31 -4.08 -17.86
C LEU A 13 -5.38 -5.03 -16.68
N VAL A 14 -5.82 -4.53 -15.50
CA VAL A 14 -5.87 -5.43 -14.36
C VAL A 14 -7.28 -5.67 -13.80
N PHE A 15 -8.24 -4.87 -14.20
CA PHE A 15 -9.63 -5.06 -13.73
C PHE A 15 -10.50 -4.35 -14.74
N SER A 16 -11.66 -5.01 -15.11
CA SER A 16 -12.60 -4.23 -15.96
C SER A 16 -13.96 -4.85 -15.87
N ASP A 17 -14.94 -4.02 -16.18
CA ASP A 17 -16.28 -4.58 -16.49
C ASP A 17 -16.82 -3.77 -17.61
N GLU A 18 -17.10 -4.46 -18.74
CA GLU A 18 -17.65 -3.79 -19.92
C GLU A 18 -19.19 -3.92 -19.94
N PHE A 19 -19.77 -4.56 -18.91
CA PHE A 19 -21.24 -4.57 -18.73
C PHE A 19 -22.01 -5.14 -19.95
N GLU A 20 -21.41 -6.14 -20.57
N GLU A 20 -21.45 -6.16 -20.50
CA GLU A 20 -22.01 -6.82 -21.74
CA GLU A 20 -22.11 -6.72 -21.70
C GLU A 20 -22.59 -8.18 -21.32
C GLU A 20 -23.13 -7.82 -21.49
N TYR A 21 -23.33 -8.13 -20.27
CA TYR A 21 -24.24 -9.19 -19.76
C TYR A 21 -25.54 -8.54 -19.37
N GLU A 22 -26.49 -9.37 -19.02
CA GLU A 22 -27.80 -8.85 -18.64
C GLU A 22 -28.08 -9.35 -17.25
N GLY A 23 -28.39 -8.48 -16.31
CA GLY A 23 -28.90 -8.86 -15.01
C GLY A 23 -28.16 -8.10 -13.95
N LYS A 24 -27.87 -8.72 -12.79
CA LYS A 24 -27.26 -8.01 -11.71
C LYS A 24 -25.82 -7.71 -12.03
N PRO A 25 -25.27 -6.62 -11.54
CA PRO A 25 -23.84 -6.44 -11.60
C PRO A 25 -23.06 -7.68 -11.15
N ASP A 26 -22.02 -8.03 -11.89
CA ASP A 26 -21.29 -9.28 -11.67
C ASP A 26 -20.82 -9.40 -10.22
N PRO A 27 -21.32 -10.43 -9.50
CA PRO A 27 -20.95 -10.52 -8.09
C PRO A 27 -19.47 -10.89 -7.85
N GLU A 28 -18.69 -11.35 -8.86
CA GLU A 28 -17.28 -11.53 -8.70
C GLU A 28 -16.53 -10.19 -8.68
N LYS A 29 -17.19 -9.15 -9.21
CA LYS A 29 -16.52 -7.84 -9.40
CA LYS A 29 -16.54 -7.83 -9.36
C LYS A 29 -17.07 -6.74 -8.44
N TRP A 30 -18.35 -6.90 -8.07
CA TRP A 30 -19.07 -5.78 -7.36
C TRP A 30 -19.72 -6.26 -6.11
N HIS A 31 -19.45 -5.49 -5.05
CA HIS A 31 -20.09 -5.66 -3.73
C HIS A 31 -21.11 -4.58 -3.46
N TYR A 32 -22.25 -4.91 -2.94
CA TYR A 32 -23.24 -3.87 -2.58
C TYR A 32 -23.16 -3.48 -1.11
N GLN A 33 -23.27 -2.19 -0.90
CA GLN A 33 -23.45 -1.70 0.49
C GLN A 33 -24.93 -1.41 0.69
N VAL A 34 -25.45 -1.94 1.81
CA VAL A 34 -26.86 -1.71 2.18
C VAL A 34 -27.00 -1.28 3.64
N ILE A 35 -26.00 -1.63 4.48
CA ILE A 35 -26.10 -1.28 5.94
C ILE A 35 -25.69 0.17 6.05
N PRO A 36 -26.54 1.04 6.65
CA PRO A 36 -26.10 2.46 6.83
C PRO A 36 -25.03 2.54 7.89
N PRO A 37 -24.06 3.43 7.74
CA PRO A 37 -22.93 3.56 8.66
C PRO A 37 -23.24 4.30 9.93
N ASN A 38 -24.27 5.15 9.89
CA ASN A 38 -24.44 6.16 11.01
C ASN A 38 -25.87 6.05 11.60
N ASN A 39 -26.09 5.03 12.45
CA ASN A 39 -27.39 4.93 13.18
C ASN A 39 -28.59 5.03 12.26
N GLY A 40 -28.58 4.22 11.18
CA GLY A 40 -29.73 4.18 10.30
C GLY A 40 -29.58 5.07 9.06
N SER A 41 -28.55 5.93 9.06
CA SER A 41 -28.40 6.88 7.93
C SER A 41 -27.06 6.80 7.36
N TRP A 42 -26.96 7.31 6.14
CA TRP A 42 -25.67 7.55 5.45
C TRP A 42 -25.07 8.87 5.91
N HIS A 43 -23.84 9.23 5.47
CA HIS A 43 -23.20 10.50 5.92
C HIS A 43 -23.76 11.69 5.17
N ASN A 44 -23.25 12.88 5.48
CA ASN A 44 -23.52 14.06 4.70
C ASN A 44 -25.01 14.45 4.66
N ASN A 45 -25.78 14.03 5.65
CA ASN A 45 -27.21 14.32 5.69
C ASN A 45 -27.94 13.81 4.46
N GLU A 46 -27.38 12.75 3.83
CA GLU A 46 -28.04 12.24 2.63
C GLU A 46 -29.36 11.52 3.01
N LEU A 47 -30.26 11.48 2.03
CA LEU A 47 -31.65 11.09 2.24
C LEU A 47 -32.07 9.68 1.81
N GLN A 48 -31.12 8.97 1.15
CA GLN A 48 -31.44 7.63 0.63
C GLN A 48 -31.04 6.48 1.58
N HIS A 49 -31.69 5.33 1.34
CA HIS A 49 -31.12 4.04 1.60
C HIS A 49 -30.52 3.48 0.34
N TYR A 50 -29.51 2.66 0.52
CA TYR A 50 -28.94 1.89 -0.59
C TYR A 50 -29.40 0.47 -0.51
N THR A 51 -29.73 -0.13 -1.68
CA THR A 51 -30.20 -1.51 -1.67
C THR A 51 -29.52 -2.27 -2.77
N ASN A 52 -29.70 -3.61 -2.70
CA ASN A 52 -29.12 -4.48 -3.78
C ASN A 52 -30.17 -4.98 -4.76
N ARG A 53 -31.32 -4.32 -4.79
CA ARG A 53 -32.44 -4.75 -5.61
C ARG A 53 -32.35 -4.29 -7.03
N SER A 54 -33.03 -5.00 -7.94
CA SER A 54 -33.13 -4.54 -9.31
C SER A 54 -33.73 -3.17 -9.47
N GLU A 55 -34.51 -2.70 -8.47
CA GLU A 55 -35.01 -1.32 -8.48
C GLU A 55 -33.83 -0.36 -8.73
N ASN A 56 -32.70 -0.60 -8.02
CA ASN A 56 -31.70 0.42 -7.96
C ASN A 56 -30.49 0.14 -8.74
N SER A 57 -30.32 -1.07 -9.35
CA SER A 57 -29.18 -1.31 -10.20
C SER A 57 -29.44 -2.50 -11.07
N PHE A 58 -28.93 -2.39 -12.31
CA PHE A 58 -29.16 -3.49 -13.31
C PHE A 58 -28.24 -3.23 -14.47
N VAL A 59 -27.95 -4.31 -15.21
CA VAL A 59 -27.06 -4.23 -16.38
C VAL A 59 -27.87 -4.69 -17.59
N SER A 60 -27.89 -3.85 -18.61
CA SER A 60 -28.61 -4.25 -19.84
C SER A 60 -28.14 -3.40 -20.98
N ASP A 61 -28.31 -3.91 -22.22
CA ASP A 61 -28.00 -3.12 -23.40
C ASP A 61 -26.54 -2.58 -23.39
N GLY A 62 -25.62 -3.34 -22.78
CA GLY A 62 -24.19 -2.94 -22.71
C GLY A 62 -23.76 -1.93 -21.65
N THR A 63 -24.68 -1.59 -20.75
CA THR A 63 -24.31 -0.61 -19.73
C THR A 63 -24.92 -1.00 -18.38
N LEU A 64 -24.16 -0.61 -17.32
CA LEU A 64 -24.73 -0.64 -15.92
C LEU A 64 -25.59 0.61 -15.69
N LYS A 65 -26.74 0.42 -15.04
CA LYS A 65 -27.47 1.56 -14.55
C LYS A 65 -27.56 1.48 -13.06
N ILE A 66 -27.29 2.61 -12.40
CA ILE A 66 -27.66 2.80 -10.97
C ILE A 66 -28.83 3.76 -11.04
N ARG A 67 -29.88 3.42 -10.31
CA ARG A 67 -31.16 4.19 -10.38
C ARG A 67 -31.60 4.60 -8.98
N ALA A 68 -31.76 5.91 -8.81
CA ALA A 68 -32.31 6.45 -7.58
C ALA A 68 -33.81 6.66 -7.71
N ILE A 69 -34.60 6.38 -6.69
CA ILE A 69 -36.10 6.43 -6.83
C ILE A 69 -36.63 7.08 -5.58
N LYS A 70 -37.63 7.99 -5.75
CA LYS A 70 -38.46 8.37 -4.58
C LYS A 70 -39.40 7.18 -4.19
N GLU A 71 -39.11 6.56 -3.05
CA GLU A 71 -39.71 5.28 -2.64
C GLU A 71 -39.48 5.26 -1.14
N LYS A 72 -40.52 5.01 -0.34
CA LYS A 72 -40.35 4.77 1.11
C LYS A 72 -39.74 3.41 1.29
N TYR A 73 -38.67 3.37 2.06
CA TYR A 73 -37.98 2.07 2.21
C TYR A 73 -37.43 2.06 3.65
N THR A 74 -37.60 0.88 4.31
CA THR A 74 -37.13 0.73 5.70
C THR A 74 -36.05 -0.36 5.78
N PHE A 75 -34.98 -0.03 6.48
CA PHE A 75 -33.90 -1.00 6.81
C PHE A 75 -33.64 -0.92 8.31
N GLU A 76 -33.88 -2.07 8.98
CA GLU A 76 -33.60 -2.16 10.44
C GLU A 76 -34.13 -0.93 11.22
N GLY A 77 -35.43 -0.64 10.96
CA GLY A 77 -36.11 0.40 11.76
C GLY A 77 -35.88 1.80 11.26
N SER A 78 -35.07 1.98 10.21
CA SER A 78 -34.79 3.34 9.72
C SER A 78 -35.51 3.51 8.39
N THR A 79 -36.47 4.45 8.31
CA THR A 79 -37.17 4.68 7.05
C THR A 79 -36.56 5.90 6.36
N LYS A 80 -36.38 5.74 5.05
CA LYS A 80 -35.96 6.84 4.19
C LYS A 80 -36.94 6.98 3.03
N ASP A 81 -36.87 8.18 2.39
CA ASP A 81 -37.83 8.46 1.29
C ASP A 81 -37.28 8.20 -0.11
N TYR A 82 -36.02 7.75 -0.21
CA TYR A 82 -35.43 7.49 -1.55
C TYR A 82 -34.58 6.22 -1.36
N THR A 83 -34.48 5.50 -2.49
CA THR A 83 -33.59 4.32 -2.60
C THR A 83 -32.63 4.55 -3.76
N SER A 84 -31.45 3.91 -3.60
CA SER A 84 -30.44 3.98 -4.67
C SER A 84 -29.52 2.80 -4.49
N ALA A 85 -28.41 2.78 -5.24
CA ALA A 85 -27.37 1.74 -5.03
C ALA A 85 -25.99 2.35 -4.83
N ARG A 86 -25.18 1.60 -4.07
CA ARG A 86 -23.81 1.98 -3.73
C ARG A 86 -23.00 0.73 -3.90
N LEU A 87 -22.20 0.70 -4.99
CA LEU A 87 -21.34 -0.44 -5.32
C LEU A 87 -19.92 -0.18 -4.89
N ASN A 88 -19.24 -1.25 -4.53
CA ASN A 88 -17.78 -1.17 -4.28
C ASN A 88 -17.13 -2.25 -5.15
N SER A 89 -15.98 -1.94 -5.74
CA SER A 89 -15.23 -3.00 -6.42
C SER A 89 -14.70 -3.99 -5.44
N LYS A 90 -14.76 -5.31 -5.86
CA LYS A 90 -14.08 -6.35 -5.06
C LYS A 90 -12.57 -6.40 -5.33
N PHE A 91 -12.14 -5.56 -6.18
CA PHE A 91 -10.74 -5.43 -6.57
C PHE A 91 -10.18 -4.21 -5.79
N ALA A 92 -9.03 -4.36 -5.12
CA ALA A 92 -8.33 -3.27 -4.45
C ALA A 92 -7.01 -3.17 -5.11
N PHE A 93 -6.50 -1.95 -5.20
CA PHE A 93 -5.31 -1.74 -6.05
C PHE A 93 -4.54 -0.56 -5.55
N THR A 94 -3.22 -0.56 -5.76
CA THR A 94 -2.36 0.58 -5.38
C THR A 94 -1.70 1.11 -6.62
N TYR A 95 -2.07 2.35 -6.96
CA TYR A 95 -1.63 3.08 -8.20
C TYR A 95 -2.36 2.45 -9.42
N GLY A 96 -2.46 3.28 -10.44
CA GLY A 96 -3.06 2.84 -11.70
C GLY A 96 -3.82 3.92 -12.40
N LYS A 97 -4.40 3.56 -13.52
CA LYS A 97 -5.26 4.51 -14.26
C LYS A 97 -6.63 3.90 -14.31
N VAL A 98 -7.58 4.62 -13.77
CA VAL A 98 -8.96 4.22 -13.72
C VAL A 98 -9.74 5.01 -14.72
N GLU A 99 -10.48 4.34 -15.62
CA GLU A 99 -11.31 5.03 -16.65
C GLU A 99 -12.76 4.54 -16.49
N VAL A 100 -13.69 5.47 -16.35
CA VAL A 100 -15.11 5.16 -16.29
C VAL A 100 -15.83 5.99 -17.29
N ARG A 101 -16.51 5.32 -18.24
CA ARG A 101 -17.24 6.09 -19.25
C ARG A 101 -18.70 6.07 -18.89
N ALA A 102 -19.31 7.22 -18.80
CA ALA A 102 -20.67 7.30 -18.16
C ALA A 102 -21.46 8.48 -18.65
N LYS A 103 -22.77 8.38 -18.40
CA LYS A 103 -23.77 9.45 -18.52
C LYS A 103 -24.32 9.68 -17.10
N LEU A 104 -24.41 10.95 -16.72
CA LEU A 104 -24.71 11.30 -15.36
C LEU A 104 -26.21 11.65 -15.23
N PRO A 105 -26.76 11.51 -14.00
CA PRO A 105 -28.18 11.86 -13.82
C PRO A 105 -28.37 13.37 -14.13
N SER A 106 -29.52 13.67 -14.74
CA SER A 106 -29.83 15.11 -15.05
C SER A 106 -30.61 15.81 -13.99
N LYS A 107 -31.24 15.08 -13.10
CA LYS A 107 -32.25 15.72 -12.24
C LYS A 107 -31.70 16.37 -11.00
N LYS A 108 -32.35 17.49 -10.64
CA LYS A 108 -31.99 18.19 -9.42
C LYS A 108 -32.11 17.29 -8.22
N GLY A 109 -31.16 17.44 -7.26
CA GLY A 109 -31.23 16.66 -6.08
C GLY A 109 -30.28 15.44 -6.08
N THR A 110 -29.88 15.02 -7.30
CA THR A 110 -29.01 13.85 -7.42
C THR A 110 -27.54 14.22 -7.21
N TRP A 111 -26.80 13.27 -6.61
CA TRP A 111 -25.37 13.43 -6.31
C TRP A 111 -24.65 12.15 -6.71
N PRO A 112 -24.33 12.04 -7.99
CA PRO A 112 -23.60 10.84 -8.46
C PRO A 112 -22.13 11.00 -8.06
N ALA A 113 -21.44 9.87 -7.92
CA ALA A 113 -20.00 9.84 -7.65
C ALA A 113 -19.36 8.57 -8.20
N ILE A 114 -18.09 8.85 -8.63
CA ILE A 114 -17.14 7.82 -8.99
C ILE A 114 -15.94 8.12 -8.08
N TRP A 115 -15.56 7.23 -7.21
CA TRP A 115 -14.57 7.63 -6.18
C TRP A 115 -13.86 6.44 -5.60
N THR A 116 -12.83 6.72 -4.79
CA THR A 116 -12.16 5.59 -4.12
C THR A 116 -12.09 5.88 -2.61
N LEU A 117 -11.96 4.82 -1.80
CA LEU A 117 -11.55 4.88 -0.41
C LEU A 117 -10.36 3.97 -0.26
N GLY A 118 -9.48 4.32 0.71
CA GLY A 118 -8.46 3.36 1.14
C GLY A 118 -9.15 2.07 1.59
N ALA A 119 -8.54 0.95 1.21
CA ALA A 119 -9.05 -0.35 1.58
C ALA A 119 -8.94 -0.66 3.06
N ASN A 120 -8.19 0.20 3.79
CA ASN A 120 -8.20 0.05 5.27
C ASN A 120 -9.31 0.92 5.86
N SER A 121 -10.27 1.42 5.11
CA SER A 121 -11.36 2.27 5.69
C SER A 121 -12.19 1.55 6.75
N ASN A 122 -12.32 0.20 6.61
CA ASN A 122 -13.22 -0.56 7.49
C ASN A 122 -14.60 0.03 7.64
N GLU A 123 -15.09 0.60 6.53
CA GLU A 123 -16.46 1.15 6.56
C GLU A 123 -17.42 0.04 6.76
N THR A 124 -18.43 0.36 7.57
CA THR A 124 -19.43 -0.66 7.94
C THR A 124 -20.07 -1.31 6.68
N GLY A 125 -20.04 -2.66 6.64
CA GLY A 125 -20.79 -3.37 5.54
C GLY A 125 -20.03 -3.24 4.20
N ASN A 126 -18.75 -2.88 4.21
CA ASN A 126 -17.96 -2.85 2.92
C ASN A 126 -17.34 -4.25 2.74
N TYR A 127 -16.56 -4.38 1.68
CA TYR A 127 -16.13 -5.74 1.28
C TYR A 127 -14.84 -6.18 2.03
N PHE A 128 -14.02 -5.27 2.50
CA PHE A 128 -12.67 -5.55 3.00
C PHE A 128 -12.52 -5.60 4.48
N GLY A 129 -13.49 -5.01 5.22
CA GLY A 129 -13.39 -5.08 6.69
C GLY A 129 -12.02 -4.57 7.16
N GLU A 130 -11.45 -5.30 8.13
CA GLU A 130 -10.21 -4.89 8.71
C GLU A 130 -8.99 -5.63 8.08
N GLN A 131 -9.17 -6.14 6.88
CA GLN A 131 -8.08 -6.93 6.20
C GLN A 131 -6.81 -6.15 6.10
N TYR A 132 -6.87 -4.86 5.79
CA TYR A 132 -5.66 -4.06 5.54
C TYR A 132 -5.30 -3.15 6.70
N GLY A 133 -6.26 -2.97 7.59
CA GLY A 133 -6.09 -2.06 8.73
C GLY A 133 -7.48 -1.55 9.13
N ASN A 134 -7.47 -0.46 9.89
CA ASN A 134 -8.68 0.11 10.43
C ASN A 134 -8.44 1.56 10.61
N ALA A 135 -8.47 2.30 9.51
CA ALA A 135 -8.13 3.73 9.49
C ALA A 135 -9.39 4.52 9.20
N GLU A 136 -10.08 4.99 10.26
CA GLU A 136 -11.41 5.60 10.01
C GLU A 136 -11.26 6.86 9.19
N TRP A 137 -12.15 6.99 8.17
CA TRP A 137 -12.16 8.18 7.34
C TRP A 137 -12.00 9.44 8.13
N PRO A 138 -11.12 10.36 7.74
CA PRO A 138 -10.48 10.47 6.42
C PRO A 138 -9.10 9.84 6.44
N ALA A 139 -8.69 9.16 7.51
CA ALA A 139 -7.31 8.65 7.54
C ALA A 139 -7.06 7.56 6.49
N CYS A 140 -8.11 6.90 6.05
CA CYS A 140 -7.95 5.86 4.93
C CYS A 140 -7.68 6.52 3.56
N GLY A 141 -8.01 7.81 3.41
CA GLY A 141 -7.87 8.51 2.15
C GLY A 141 -9.11 8.30 1.30
N GLU A 142 -9.37 9.33 0.46
CA GLU A 142 -10.51 9.33 -0.50
C GLU A 142 -10.05 10.07 -1.72
N ILE A 143 -10.31 9.52 -2.93
CA ILE A 143 -10.10 10.26 -4.22
C ILE A 143 -11.48 10.34 -4.90
N ASP A 144 -11.96 11.56 -5.16
CA ASP A 144 -13.23 11.71 -5.92
C ASP A 144 -12.88 12.00 -7.34
N ILE A 145 -13.05 10.97 -8.15
CA ILE A 145 -12.78 11.08 -9.59
C ILE A 145 -13.90 11.88 -10.28
N LEU A 146 -15.13 11.73 -9.84
CA LEU A 146 -16.23 12.47 -10.40
C LEU A 146 -17.21 12.63 -9.30
N GLU A 147 -17.69 13.86 -9.11
CA GLU A 147 -18.98 14.13 -8.37
C GLU A 147 -19.72 15.17 -9.17
N GLN A 148 -21.04 15.16 -9.11
CA GLN A 148 -21.75 16.41 -9.44
C GLN A 148 -22.67 16.71 -8.29
N ASN A 149 -22.82 18.02 -8.03
CA ASN A 149 -23.81 18.38 -7.06
C ASN A 149 -25.21 18.38 -7.71
N GLY A 150 -26.19 18.69 -6.87
CA GLY A 150 -27.59 18.59 -7.35
C GLY A 150 -28.09 19.79 -8.08
N TRP A 151 -27.38 20.92 -7.98
CA TRP A 151 -27.90 22.20 -8.49
C TRP A 151 -27.18 22.78 -9.66
N ASP A 152 -26.05 22.16 -10.03
CA ASP A 152 -25.27 22.67 -11.19
C ASP A 152 -24.78 21.46 -11.94
N LYS A 153 -25.56 21.06 -12.94
CA LYS A 153 -25.20 19.93 -13.78
C LYS A 153 -24.29 20.30 -14.94
N GLU A 154 -23.81 21.55 -14.95
CA GLU A 154 -22.90 21.99 -15.99
C GLU A 154 -21.46 22.07 -15.57
N SER A 155 -21.19 21.50 -14.40
CA SER A 155 -19.83 21.44 -13.87
C SER A 155 -19.59 20.07 -13.23
N THR A 156 -18.35 19.60 -13.30
CA THR A 156 -17.97 18.38 -12.54
C THR A 156 -16.94 18.73 -11.49
N ILE A 157 -16.86 17.86 -10.47
CA ILE A 157 -15.97 17.97 -9.33
C ILE A 157 -14.93 16.87 -9.35
N ALA A 158 -13.69 17.23 -9.02
CA ALA A 158 -12.62 16.30 -8.64
C ALA A 158 -12.20 16.73 -7.25
N HIS A 159 -11.89 15.78 -6.37
CA HIS A 159 -11.58 16.15 -5.01
C HIS A 159 -10.82 15.12 -4.26
N PHE A 160 -10.22 15.51 -3.14
CA PHE A 160 -9.43 14.64 -2.30
C PHE A 160 -9.77 14.94 -0.89
N HIS A 161 -9.84 13.91 -0.06
CA HIS A 161 -10.06 14.06 1.38
C HIS A 161 -9.11 13.12 2.07
N TRP A 162 -8.35 13.61 3.08
CA TRP A 162 -7.41 12.72 3.77
C TRP A 162 -6.94 13.38 5.05
N SER A 163 -6.35 12.60 5.90
CA SER A 163 -5.47 13.19 6.89
C SER A 163 -4.07 12.73 6.66
N ASP A 164 -3.07 13.58 6.93
CA ASP A 164 -1.72 13.10 6.82
C ASP A 164 -1.44 11.94 7.78
N LEU A 165 -0.46 11.11 7.47
CA LEU A 165 -0.23 9.94 8.29
C LEU A 165 0.33 10.44 9.64
N ASN A 166 0.96 11.61 9.65
CA ASN A 166 1.58 11.99 10.93
C ASN A 166 0.73 13.09 11.60
N SER A 167 -0.57 13.16 11.26
CA SER A 167 -1.49 14.17 11.80
C SER A 167 -2.98 13.80 11.83
N ASP A 168 -3.74 14.37 12.74
CA ASP A 168 -5.17 14.16 12.73
C ASP A 168 -5.87 15.23 11.90
N GLU A 169 -5.13 16.19 11.31
CA GLU A 169 -5.78 17.39 10.67
C GLU A 169 -6.45 16.94 9.33
N TYR A 170 -7.75 17.20 9.22
CA TYR A 170 -8.50 16.82 8.03
C TYR A 170 -8.20 17.78 6.91
N GLN A 171 -7.64 17.28 5.75
CA GLN A 171 -7.30 18.10 4.56
C GLN A 171 -8.30 17.73 3.44
N ASN A 172 -8.69 18.74 2.64
CA ASN A 172 -9.51 18.52 1.54
C ASN A 172 -9.38 19.59 0.51
N LEU A 173 -9.35 19.20 -0.73
CA LEU A 173 -9.17 20.21 -1.77
C LEU A 173 -9.51 19.54 -3.11
N GLY A 174 -9.63 20.36 -4.13
CA GLY A 174 -9.96 19.85 -5.45
C GLY A 174 -10.24 20.96 -6.42
N GLY A 175 -10.89 20.61 -7.52
CA GLY A 175 -11.16 21.56 -8.57
C GLY A 175 -12.51 21.20 -9.20
N THR A 176 -12.89 21.97 -10.20
CA THR A 176 -14.07 21.68 -10.99
C THR A 176 -13.80 22.02 -12.44
N THR A 177 -14.66 21.57 -13.34
CA THR A 177 -14.48 21.92 -14.76
C THR A 177 -15.84 21.97 -15.40
N PRO A 178 -16.00 22.72 -16.47
CA PRO A 178 -17.28 22.74 -17.16
C PRO A 178 -17.53 21.49 -17.90
N ILE A 179 -18.80 21.08 -18.01
CA ILE A 179 -19.17 19.92 -18.82
C ILE A 179 -20.44 20.25 -19.59
N THR A 180 -20.49 19.78 -20.84
CA THR A 180 -21.64 19.94 -21.70
C THR A 180 -22.36 18.62 -21.84
N ASN A 181 -23.65 18.66 -21.70
CA ASN A 181 -24.48 17.50 -21.94
C ASN A 181 -24.02 16.25 -21.12
N ALA A 182 -23.81 16.46 -19.82
CA ALA A 182 -23.36 15.34 -19.02
C ALA A 182 -24.28 14.17 -18.96
N SER A 183 -25.58 14.43 -19.07
CA SER A 183 -26.61 13.39 -18.97
C SER A 183 -26.92 12.76 -20.31
N GLY A 184 -26.67 13.45 -21.43
CA GLY A 184 -27.11 12.85 -22.70
C GLY A 184 -25.95 12.37 -23.57
N SER A 185 -24.71 12.57 -23.14
CA SER A 185 -23.57 12.18 -23.93
C SER A 185 -22.60 11.48 -22.95
N PHE A 186 -22.03 10.36 -23.36
CA PHE A 186 -21.01 9.76 -22.55
C PHE A 186 -19.72 10.62 -22.50
N HIS A 187 -19.09 10.64 -21.30
CA HIS A 187 -17.78 11.24 -21.12
C HIS A 187 -16.94 10.24 -20.36
N VAL A 188 -15.58 10.41 -20.43
CA VAL A 188 -14.73 9.47 -19.68
C VAL A 188 -14.09 10.23 -18.53
N TYR A 189 -14.39 9.70 -17.33
CA TYR A 189 -13.93 10.23 -16.07
C TYR A 189 -12.76 9.38 -15.70
N SER A 190 -11.56 9.98 -15.44
CA SER A 190 -10.37 9.12 -15.20
C SER A 190 -9.45 9.66 -14.09
N LEU A 191 -8.70 8.71 -13.55
CA LEU A 191 -7.69 8.95 -12.53
C LEU A 191 -6.42 8.42 -13.05
N GLU A 192 -5.31 9.12 -12.88
CA GLU A 192 -3.97 8.54 -13.05
C GLU A 192 -3.23 8.73 -11.75
N TRP A 193 -2.90 7.60 -11.10
CA TRP A 193 -2.39 7.60 -9.77
C TRP A 193 -1.09 6.85 -9.71
N ASN A 194 -0.07 7.53 -9.21
CA ASN A 194 1.23 6.79 -8.97
C ASN A 194 1.87 7.37 -7.73
N ALA A 195 3.13 6.92 -7.44
CA ALA A 195 3.79 7.43 -6.23
C ALA A 195 4.06 8.91 -6.35
N SER A 196 4.06 9.49 -7.53
CA SER A 196 4.38 10.93 -7.72
CA SER A 196 4.37 10.94 -7.68
C SER A 196 3.14 11.84 -7.56
N ALA A 197 1.96 11.36 -8.09
CA ALA A 197 0.85 12.30 -8.12
C ALA A 197 -0.44 11.56 -8.45
N MET A 198 -1.55 12.23 -8.16
CA MET A 198 -2.89 11.74 -8.54
CA MET A 198 -2.88 11.76 -8.57
C MET A 198 -3.46 12.81 -9.43
N LYS A 199 -3.90 12.47 -10.59
CA LYS A 199 -4.37 13.42 -11.57
C LYS A 199 -5.80 12.92 -11.95
N VAL A 200 -6.77 13.81 -11.90
CA VAL A 200 -8.17 13.48 -12.27
C VAL A 200 -8.50 14.29 -13.50
N PHE A 201 -9.08 13.59 -14.49
CA PHE A 201 -9.37 14.22 -15.79
C PHE A 201 -10.82 14.03 -16.12
N LEU A 202 -11.36 14.98 -16.89
CA LEU A 202 -12.66 14.78 -17.64
C LEU A 202 -12.27 14.76 -19.10
N ASP A 203 -12.43 13.63 -19.75
CA ASP A 203 -11.91 13.47 -21.10
C ASP A 203 -10.42 13.85 -21.08
N ASP A 204 -9.95 14.81 -21.84
CA ASP A 204 -8.51 15.15 -21.70
C ASP A 204 -8.20 16.34 -20.88
N THR A 205 -9.15 16.85 -20.18
CA THR A 205 -8.95 18.04 -19.47
C THR A 205 -8.57 17.64 -18.05
N LEU A 206 -7.49 18.17 -17.50
CA LEU A 206 -7.16 17.97 -16.08
C LEU A 206 -8.07 18.79 -15.25
N VAL A 207 -8.71 18.13 -14.32
CA VAL A 207 -9.55 18.82 -13.34
C VAL A 207 -8.74 19.16 -12.07
N TYR A 208 -7.95 18.25 -11.57
CA TYR A 208 -7.06 18.60 -10.46
C TYR A 208 -5.95 17.58 -10.43
N GLU A 209 -4.75 18.03 -10.03
CA GLU A 209 -3.60 17.15 -9.78
C GLU A 209 -3.13 17.45 -8.37
N LEU A 210 -3.00 16.40 -7.55
CA LEU A 210 -2.49 16.50 -6.17
C LEU A 210 -1.19 15.75 -6.13
N LYS A 211 -0.10 16.44 -5.73
CA LYS A 211 1.21 15.74 -5.48
C LYS A 211 1.07 14.68 -4.36
N ASN A 212 1.60 13.50 -4.61
CA ASN A 212 1.60 12.47 -3.60
C ASN A 212 2.87 12.51 -2.78
N SER A 213 2.82 11.87 -1.63
CA SER A 213 4.00 11.72 -0.81
C SER A 213 3.70 10.60 0.18
N GLN A 214 4.76 10.16 0.84
CA GLN A 214 4.53 9.07 1.86
C GLN A 214 3.78 9.51 3.05
N ASN A 215 3.59 10.80 3.25
CA ASN A 215 2.80 11.24 4.39
C ASN A 215 1.33 11.25 4.06
N THR A 216 0.89 10.81 2.89
CA THR A 216 -0.54 10.73 2.53
C THR A 216 -1.01 9.26 2.57
N PRO A 217 -2.32 9.05 2.63
CA PRO A 217 -2.90 7.71 2.56
C PRO A 217 -3.18 7.28 1.11
N TYR A 218 -2.29 7.63 0.19
CA TYR A 218 -2.45 7.26 -1.26
C TYR A 218 -1.27 6.44 -1.75
N ASN A 219 -0.79 5.58 -0.83
CA ASN A 219 0.30 4.63 -1.26
C ASN A 219 0.00 3.20 -0.78
N ALA A 220 -1.29 2.90 -0.58
CA ALA A 220 -1.68 1.59 -0.14
C ALA A 220 -3.03 1.34 -0.87
N PRO A 221 -3.60 0.16 -0.78
CA PRO A 221 -4.70 -0.18 -1.68
C PRO A 221 -5.89 0.67 -1.46
N HIS A 222 -6.55 1.00 -2.59
CA HIS A 222 -7.90 1.64 -2.58
C HIS A 222 -8.88 0.76 -3.32
N TYR A 223 -10.19 0.90 -3.05
CA TYR A 223 -11.24 0.33 -3.91
C TYR A 223 -12.10 1.39 -4.48
N LEU A 224 -12.80 1.04 -5.57
CA LEU A 224 -13.65 1.99 -6.30
C LEU A 224 -15.11 1.93 -5.74
N LEU A 225 -15.76 3.07 -5.71
CA LEU A 225 -17.20 3.21 -5.35
C LEU A 225 -17.92 3.89 -6.49
N LEU A 226 -19.17 3.43 -6.67
CA LEU A 226 -20.08 4.01 -7.66
C LEU A 226 -21.44 4.15 -6.99
N ASN A 227 -22.04 5.32 -7.01
CA ASN A 227 -23.36 5.47 -6.36
C ASN A 227 -24.10 6.73 -6.84
N ILE A 228 -25.39 6.81 -6.50
CA ILE A 228 -26.08 8.12 -6.54
C ILE A 228 -26.62 8.38 -5.13
N ALA A 229 -26.10 9.43 -4.47
CA ALA A 229 -26.75 9.85 -3.24
C ALA A 229 -27.89 10.80 -3.59
N MET A 230 -28.90 10.89 -2.71
CA MET A 230 -29.96 11.89 -2.89
C MET A 230 -29.92 12.90 -1.77
N GLY A 231 -30.00 14.19 -2.17
CA GLY A 231 -29.95 15.28 -1.14
C GLY A 231 -28.62 15.27 -0.42
N GLY A 232 -28.69 15.73 0.87
CA GLY A 232 -27.38 15.85 1.60
C GLY A 232 -26.49 17.02 1.13
N THR A 233 -25.26 17.05 1.58
CA THR A 233 -24.45 18.25 1.40
C THR A 233 -24.37 18.69 -0.06
N LEU A 234 -24.05 17.73 -0.98
CA LEU A 234 -23.92 18.11 -2.39
C LEU A 234 -25.16 17.77 -3.24
N GLY A 235 -26.08 16.92 -2.77
CA GLY A 235 -27.32 16.70 -3.52
C GLY A 235 -28.20 17.94 -3.40
N GLY A 236 -28.28 18.52 -2.20
CA GLY A 236 -29.15 19.75 -2.04
C GLY A 236 -30.65 19.38 -2.02
N ASP A 237 -31.47 20.39 -2.27
CA ASP A 237 -32.89 20.20 -2.29
C ASP A 237 -33.40 19.36 -3.44
N ILE A 238 -34.32 18.44 -3.12
CA ILE A 238 -34.85 17.52 -4.11
C ILE A 238 -36.23 18.03 -4.50
N PRO A 239 -36.47 18.28 -5.78
CA PRO A 239 -37.88 18.73 -6.12
C PRO A 239 -38.93 17.75 -5.66
N GLU A 240 -40.11 18.27 -5.26
CA GLU A 240 -41.20 17.41 -4.79
C GLU A 240 -41.63 16.41 -5.87
N ASN A 241 -41.42 16.79 -7.12
CA ASN A 241 -41.82 15.95 -8.21
C ASN A 241 -40.84 14.93 -8.68
N PHE A 242 -39.75 14.80 -7.98
CA PHE A 242 -38.78 13.78 -8.37
C PHE A 242 -39.41 12.39 -8.32
N THR A 243 -39.14 11.63 -9.39
CA THR A 243 -39.56 10.22 -9.48
C THR A 243 -38.38 9.25 -9.42
N ASP A 244 -37.54 9.30 -10.44
CA ASP A 244 -36.35 8.49 -10.47
C ASP A 244 -35.36 9.08 -11.42
N ASP A 245 -34.11 8.59 -11.36
CA ASP A 245 -33.08 9.02 -12.32
C ASP A 245 -32.00 7.98 -12.39
N ILE A 246 -31.25 7.98 -13.47
CA ILE A 246 -30.20 6.97 -13.73
C ILE A 246 -28.81 7.59 -13.94
N PHE A 247 -27.82 6.89 -13.38
CA PHE A 247 -26.39 7.08 -13.70
C PHE A 247 -26.00 5.85 -14.50
N GLU A 248 -25.58 6.07 -15.76
CA GLU A 248 -25.42 4.95 -16.72
C GLU A 248 -23.92 4.84 -17.02
N ILE A 249 -23.34 3.64 -16.75
CA ILE A 249 -21.88 3.44 -16.90
C ILE A 249 -21.65 2.39 -17.99
N ASP A 250 -20.97 2.83 -19.04
CA ASP A 250 -20.64 1.89 -20.14
C ASP A 250 -19.54 0.90 -19.74
N TYR A 251 -18.51 1.40 -19.02
CA TYR A 251 -17.48 0.45 -18.59
C TYR A 251 -16.66 1.08 -17.46
N VAL A 252 -15.99 0.22 -16.73
CA VAL A 252 -14.92 0.58 -15.79
C VAL A 252 -13.73 -0.22 -16.24
N ARG A 253 -12.59 0.48 -16.42
CA ARG A 253 -11.31 -0.20 -16.72
C ARG A 253 -10.26 0.34 -15.77
N ILE A 254 -9.42 -0.57 -15.31
CA ILE A 254 -8.26 -0.16 -14.48
C ILE A 254 -6.99 -0.80 -14.98
N TYR A 255 -6.03 0.08 -15.30
CA TYR A 255 -4.71 -0.28 -15.82
C TYR A 255 -3.64 -0.04 -14.79
N GLN A 256 -2.55 -0.83 -14.82
CA GLN A 256 -1.38 -0.49 -14.02
C GLN A 256 -0.09 -0.48 -14.87
N HIS B 6 16.57 -7.27 -16.91
CA HIS B 6 15.51 -7.24 -15.83
C HIS B 6 15.43 -5.95 -14.96
N GLY B 7 14.20 -5.54 -14.68
CA GLY B 7 13.91 -4.44 -13.78
C GLY B 7 14.14 -3.14 -14.50
N SER B 8 14.18 -3.18 -15.82
CA SER B 8 14.45 -1.93 -16.56
C SER B 8 13.28 -0.94 -16.39
N ALA B 9 12.19 -1.37 -16.22
CA ALA B 9 11.04 -0.49 -16.05
C ALA B 9 11.08 0.41 -14.76
N PHE B 10 11.99 0.12 -13.83
CA PHE B 10 12.13 0.92 -12.59
C PHE B 10 13.39 1.74 -12.80
N ASN B 11 13.17 2.95 -13.30
CA ASN B 11 14.24 3.71 -13.89
C ASN B 11 14.31 5.07 -13.21
N THR B 12 13.43 5.36 -12.24
CA THR B 12 13.55 6.69 -11.57
C THR B 12 14.13 6.46 -10.16
N LEU B 13 15.29 7.04 -9.87
CA LEU B 13 15.91 6.87 -8.58
C LEU B 13 15.15 7.61 -7.50
N VAL B 14 14.76 6.90 -6.43
CA VAL B 14 13.93 7.58 -5.38
C VAL B 14 14.56 7.65 -4.00
N PHE B 15 15.60 6.81 -3.79
CA PHE B 15 16.35 6.82 -2.51
C PHE B 15 17.66 6.17 -2.79
N SER B 16 18.73 6.68 -2.23
CA SER B 16 20.03 6.00 -2.31
C SER B 16 20.98 6.43 -1.26
N ASP B 17 22.00 5.61 -1.05
CA ASP B 17 23.21 6.03 -0.32
C ASP B 17 24.43 5.36 -0.96
N GLU B 18 25.40 6.17 -1.45
CA GLU B 18 26.63 5.64 -2.08
C GLU B 18 27.69 5.58 -1.07
N PHE B 19 27.39 6.10 0.10
CA PHE B 19 28.32 5.96 1.28
C PHE B 19 29.67 6.58 0.95
N GLU B 20 29.63 7.73 0.26
CA GLU B 20 30.86 8.44 -0.25
C GLU B 20 31.22 9.61 0.68
N TYR B 21 31.01 9.40 1.97
CA TYR B 21 31.36 10.25 3.11
C TYR B 21 32.13 9.45 4.19
N GLU B 22 32.61 10.12 5.23
CA GLU B 22 33.28 9.51 6.41
C GLU B 22 32.56 9.78 7.74
N GLY B 23 32.24 8.75 8.53
CA GLY B 23 31.55 8.94 9.80
C GLY B 23 30.37 8.03 9.99
N LYS B 24 29.38 8.45 10.77
CA LYS B 24 28.29 7.56 11.06
C LYS B 24 27.42 7.47 9.79
N PRO B 25 26.62 6.40 9.66
CA PRO B 25 25.64 6.37 8.60
C PRO B 25 24.80 7.65 8.56
N ASP B 26 24.53 8.16 7.34
CA ASP B 26 23.84 9.47 7.18
C ASP B 26 22.49 9.48 7.98
N PRO B 27 22.37 10.31 9.01
CA PRO B 27 21.17 10.33 9.86
C PRO B 27 19.92 10.80 9.17
N GLU B 28 20.06 11.44 8.01
CA GLU B 28 18.85 11.74 7.28
C GLU B 28 18.33 10.54 6.47
N LYS B 29 19.17 9.50 6.31
CA LYS B 29 18.84 8.29 5.47
C LYS B 29 18.61 7.04 6.32
N TRP B 30 19.26 7.01 7.50
CA TRP B 30 19.31 5.70 8.25
C TRP B 30 18.91 5.89 9.69
N HIS B 31 17.97 5.07 10.18
CA HIS B 31 17.56 4.99 11.55
C HIS B 31 18.16 3.76 12.24
N TYR B 32 18.66 3.88 13.47
CA TYR B 32 19.17 2.75 14.23
C TYR B 32 18.08 2.08 15.03
N GLN B 33 17.97 0.75 14.92
CA GLN B 33 17.12 0.09 15.95
C GLN B 33 17.97 -0.46 17.17
N VAL B 34 17.55 -0.13 18.40
CA VAL B 34 18.41 -0.46 19.57
C VAL B 34 17.53 -1.09 20.65
N ILE B 35 16.22 -0.87 20.58
CA ILE B 35 15.40 -1.39 21.63
C ILE B 35 14.94 -2.84 21.32
N PRO B 36 15.24 -3.83 22.16
CA PRO B 36 14.84 -5.23 21.81
C PRO B 36 13.33 -5.44 21.90
N PRO B 37 12.78 -6.22 21.01
CA PRO B 37 11.30 -6.32 20.98
C PRO B 37 10.68 -7.24 21.94
N ASN B 38 11.45 -8.18 22.50
CA ASN B 38 10.86 -9.22 23.29
C ASN B 38 11.55 -9.35 24.66
N ASN B 39 11.08 -8.56 25.62
CA ASN B 39 11.50 -8.69 27.04
CA ASN B 39 11.50 -8.68 27.03
C ASN B 39 13.04 -8.71 27.12
N GLY B 40 13.69 -7.72 26.51
CA GLY B 40 15.12 -7.65 26.64
C GLY B 40 15.89 -8.36 25.57
N SER B 41 15.20 -9.12 24.66
CA SER B 41 15.98 -9.87 23.61
C SER B 41 15.34 -9.70 22.24
N TRP B 42 16.09 -10.02 21.19
CA TRP B 42 15.61 -10.03 19.80
C TRP B 42 14.86 -11.37 19.60
N HIS B 43 14.28 -11.45 18.41
CA HIS B 43 13.53 -12.64 18.08
C HIS B 43 14.48 -13.78 17.69
N ASN B 44 13.92 -14.96 17.41
CA ASN B 44 14.67 -16.06 16.80
C ASN B 44 15.80 -16.57 17.65
N ASN B 45 15.71 -16.36 19.00
CA ASN B 45 16.78 -16.80 19.88
C ASN B 45 18.17 -16.19 19.58
N GLU B 46 18.11 -15.00 18.97
CA GLU B 46 19.36 -14.28 18.61
C GLU B 46 20.06 -13.78 19.85
N LEU B 47 21.37 -13.69 19.71
CA LEU B 47 22.25 -13.44 20.91
C LEU B 47 22.77 -12.02 20.99
N GLN B 48 22.46 -11.11 20.08
CA GLN B 48 22.99 -9.71 20.10
C GLN B 48 22.09 -8.72 20.71
N HIS B 49 22.74 -7.62 21.14
CA HIS B 49 22.02 -6.29 21.18
C HIS B 49 22.47 -5.53 19.96
N TYR B 50 21.56 -4.61 19.51
CA TYR B 50 21.91 -3.70 18.41
C TYR B 50 22.12 -2.31 19.04
N THR B 51 23.17 -1.56 18.47
CA THR B 51 23.43 -0.23 19.07
C THR B 51 23.49 0.76 17.95
N ASN B 52 23.70 1.98 18.38
CA ASN B 52 23.85 3.12 17.50
C ASN B 52 25.34 3.56 17.37
N ARG B 53 26.26 2.78 17.94
CA ARG B 53 27.66 3.23 18.10
C ARG B 53 28.49 3.07 16.83
N SER B 54 29.54 3.89 16.68
CA SER B 54 30.50 3.71 15.60
CA SER B 54 30.51 3.72 15.62
C SER B 54 31.17 2.33 15.64
N GLU B 55 31.25 1.73 16.84
CA GLU B 55 31.83 0.40 16.98
C GLU B 55 31.05 -0.60 16.09
N ASN B 56 29.74 -0.33 15.94
CA ASN B 56 28.89 -1.32 15.20
C ASN B 56 28.43 -0.86 13.80
N SER B 57 28.67 0.44 13.41
CA SER B 57 28.37 0.84 12.05
C SER B 57 29.08 2.19 11.78
N PHE B 58 29.73 2.18 10.64
CA PHE B 58 30.57 3.32 10.24
C PHE B 58 30.73 3.33 8.73
N VAL B 59 31.06 4.50 8.13
CA VAL B 59 31.13 4.65 6.68
C VAL B 59 32.52 5.23 6.38
N SER B 60 33.24 4.66 5.40
CA SER B 60 34.60 5.13 5.12
C SER B 60 35.06 4.52 3.82
N ASP B 61 35.86 5.27 3.05
CA ASP B 61 36.47 4.73 1.86
C ASP B 61 35.45 4.17 0.88
N GLY B 62 34.29 4.77 0.92
CA GLY B 62 33.28 4.55 -0.08
C GLY B 62 32.32 3.44 0.26
N THR B 63 32.39 2.90 1.47
CA THR B 63 31.42 1.84 1.86
C THR B 63 30.92 1.96 3.30
N LEU B 64 29.70 1.46 3.52
CA LEU B 64 29.21 1.27 4.90
C LEU B 64 29.68 -0.09 5.44
N LYS B 65 30.15 -0.11 6.68
CA LYS B 65 30.39 -1.34 7.40
C LYS B 65 29.38 -1.47 8.54
N ILE B 66 28.72 -2.63 8.67
CA ILE B 66 28.02 -2.96 9.92
C ILE B 66 28.91 -4.06 10.52
N ARG B 67 29.22 -3.87 11.79
CA ARG B 67 30.23 -4.74 12.46
C ARG B 67 29.61 -5.39 13.69
N ALA B 68 29.63 -6.71 13.72
CA ALA B 68 29.18 -7.48 14.89
C ALA B 68 30.38 -7.79 15.77
N ILE B 69 30.20 -7.75 17.09
CA ILE B 69 31.38 -7.92 18.00
C ILE B 69 30.97 -8.76 19.19
N LYS B 70 31.88 -9.67 19.62
CA LYS B 70 31.72 -10.37 20.90
C LYS B 70 32.12 -9.35 22.01
N GLU B 71 31.12 -8.93 22.73
CA GLU B 71 31.22 -7.79 23.65
C GLU B 71 30.07 -7.91 24.65
N LYS B 72 30.32 -7.81 25.97
CA LYS B 72 29.18 -7.73 26.91
C LYS B 72 28.60 -6.37 26.76
N TYR B 73 27.28 -6.36 26.70
CA TYR B 73 26.58 -5.07 26.58
C TYR B 73 25.24 -5.16 27.24
N THR B 74 24.88 -4.14 28.04
CA THR B 74 23.68 -4.18 28.83
C THR B 74 22.83 -2.96 28.43
N PHE B 75 21.59 -3.33 28.05
CA PHE B 75 20.67 -2.30 27.64
C PHE B 75 19.45 -2.50 28.54
N GLU B 76 19.10 -1.43 29.27
CA GLU B 76 17.97 -1.49 30.21
CA GLU B 76 17.97 -1.49 30.21
C GLU B 76 17.97 -2.82 30.99
N GLY B 77 19.12 -3.21 31.56
CA GLY B 77 19.05 -4.37 32.43
C GLY B 77 19.31 -5.71 31.79
N SER B 78 19.25 -5.75 30.45
CA SER B 78 19.38 -7.05 29.78
C SER B 78 20.78 -7.13 29.19
N THR B 79 21.52 -8.16 29.62
CA THR B 79 22.93 -8.28 29.17
C THR B 79 23.02 -9.31 28.06
N LYS B 80 23.67 -8.91 26.97
CA LYS B 80 23.94 -9.87 25.88
C LYS B 80 25.44 -9.93 25.62
N ASP B 81 25.86 -10.99 24.91
CA ASP B 81 27.28 -11.30 24.66
C ASP B 81 27.81 -10.72 23.40
N TYR B 82 26.92 -10.18 22.55
CA TYR B 82 27.32 -9.58 21.26
C TYR B 82 26.66 -8.27 21.02
N THR B 83 27.33 -7.41 20.28
CA THR B 83 26.70 -6.18 19.75
C THR B 83 26.79 -6.15 18.21
N SER B 84 25.83 -5.44 17.63
CA SER B 84 25.80 -5.26 16.16
C SER B 84 24.96 -4.03 15.88
N ALA B 85 24.60 -3.87 14.63
CA ALA B 85 23.66 -2.78 14.28
C ALA B 85 22.53 -3.33 13.39
N ARG B 86 21.38 -2.68 13.50
CA ARG B 86 20.20 -2.99 12.67
C ARG B 86 19.63 -1.67 12.22
N LEU B 87 19.94 -1.35 10.94
CA LEU B 87 19.51 0.02 10.38
C LEU B 87 18.17 -0.17 9.65
N ASN B 88 17.39 0.87 9.60
CA ASN B 88 16.17 0.89 8.82
C ASN B 88 16.32 2.13 7.95
N SER B 89 15.85 2.05 6.71
CA SER B 89 15.80 3.28 5.86
C SER B 89 14.72 4.24 6.42
N LYS B 90 15.11 5.55 6.42
CA LYS B 90 14.17 6.63 6.75
C LYS B 90 13.40 6.97 5.47
N PHE B 91 12.71 5.96 4.93
CA PHE B 91 12.16 6.00 3.56
C PHE B 91 11.29 4.79 3.48
N ALA B 92 10.05 4.97 3.03
CA ALA B 92 9.11 3.90 2.82
C ALA B 92 8.61 4.07 1.38
N PHE B 93 8.28 2.96 0.74
CA PHE B 93 7.90 3.01 -0.68
C PHE B 93 7.05 1.81 -0.99
N THR B 94 6.16 1.99 -1.98
CA THR B 94 5.32 0.89 -2.48
C THR B 94 5.68 0.60 -3.93
N TYR B 95 6.26 -0.62 -4.13
CA TYR B 95 6.75 -1.16 -5.44
C TYR B 95 8.05 -0.45 -5.78
N GLY B 96 8.92 -1.13 -6.52
CA GLY B 96 10.17 -0.52 -6.91
C GLY B 96 11.22 -1.64 -7.11
N LYS B 97 12.39 -1.15 -7.38
CA LYS B 97 13.60 -1.99 -7.53
C LYS B 97 14.65 -1.60 -6.53
N VAL B 98 15.04 -2.52 -5.65
CA VAL B 98 16.02 -2.24 -4.56
C VAL B 98 17.30 -2.93 -5.00
N GLU B 99 18.43 -2.23 -5.05
CA GLU B 99 19.73 -2.84 -5.32
C GLU B 99 20.68 -2.54 -4.18
N VAL B 100 21.34 -3.59 -3.68
CA VAL B 100 22.29 -3.45 -2.58
C VAL B 100 23.54 -4.17 -2.94
N ARG B 101 24.67 -3.43 -3.16
CA ARG B 101 25.97 -4.04 -3.52
C ARG B 101 26.76 -4.22 -2.25
N ALA B 102 27.16 -5.49 -1.99
CA ALA B 102 27.75 -5.83 -0.69
C ALA B 102 28.65 -7.03 -0.73
N LYS B 103 29.52 -7.04 0.31
CA LYS B 103 30.34 -8.17 0.71
C LYS B 103 29.74 -8.62 2.09
N LEU B 104 29.56 -9.94 2.25
CA LEU B 104 28.87 -10.49 3.40
C LEU B 104 29.91 -10.97 4.39
N PRO B 105 29.54 -11.05 5.66
CA PRO B 105 30.49 -11.55 6.70
C PRO B 105 30.86 -12.99 6.35
N SER B 106 32.15 -13.39 6.60
CA SER B 106 32.62 -14.76 6.34
C SER B 106 32.55 -15.65 7.54
N LYS B 107 32.47 -15.06 8.75
CA LYS B 107 32.71 -15.86 9.98
C LYS B 107 31.47 -16.65 10.37
N LYS B 108 31.67 -17.83 10.90
CA LYS B 108 30.57 -18.67 11.33
C LYS B 108 29.84 -18.01 12.53
N GLY B 109 28.51 -18.24 12.54
CA GLY B 109 27.67 -17.64 13.59
C GLY B 109 27.03 -16.35 13.18
N THR B 110 27.42 -15.74 12.07
CA THR B 110 26.86 -14.44 11.67
C THR B 110 25.63 -14.75 10.75
N TRP B 111 24.66 -13.85 10.89
CA TRP B 111 23.38 -14.00 10.08
C TRP B 111 23.07 -12.64 9.55
N PRO B 112 23.66 -12.31 8.39
CA PRO B 112 23.37 -10.96 7.78
C PRO B 112 22.04 -10.99 7.05
N ALA B 113 21.44 -9.81 6.91
CA ALA B 113 20.23 -9.74 6.16
C ALA B 113 20.07 -8.39 5.49
N ILE B 114 19.44 -8.43 4.30
CA ILE B 114 18.95 -7.25 3.55
C ILE B 114 17.46 -7.61 3.33
N TRP B 115 16.57 -6.78 3.86
CA TRP B 115 15.16 -7.19 3.87
C TRP B 115 14.24 -6.06 4.05
N THR B 116 12.95 -6.33 3.84
CA THR B 116 11.93 -5.29 4.08
C THR B 116 10.87 -5.79 5.03
N LEU B 117 10.26 -4.82 5.71
CA LEU B 117 9.02 -5.04 6.42
C LEU B 117 8.00 -4.04 5.98
N GLY B 118 6.73 -4.43 6.04
CA GLY B 118 5.66 -3.44 5.86
C GLY B 118 5.84 -2.30 6.84
N ALA B 119 5.61 -1.09 6.33
CA ALA B 119 5.74 0.12 7.16
C ALA B 119 4.65 0.19 8.28
N ASN B 120 3.63 -0.71 8.16
CA ASN B 120 2.61 -0.91 9.21
C ASN B 120 3.03 -1.92 10.31
N SER B 121 4.33 -2.32 10.31
CA SER B 121 4.77 -3.30 11.29
C SER B 121 4.64 -2.79 12.71
N ASN B 122 4.86 -1.48 12.90
CA ASN B 122 4.95 -0.87 14.25
C ASN B 122 5.86 -1.71 15.17
N GLU B 123 6.98 -2.13 14.63
CA GLU B 123 7.90 -2.85 15.46
C GLU B 123 8.45 -1.81 16.46
N THR B 124 8.55 -2.31 17.69
CA THR B 124 9.06 -1.47 18.81
C THR B 124 10.40 -0.84 18.41
N GLY B 125 10.57 0.49 18.61
CA GLY B 125 11.85 1.16 18.25
C GLY B 125 12.20 1.35 16.82
N ASN B 126 11.21 1.12 15.93
CA ASN B 126 11.50 1.39 14.53
C ASN B 126 11.25 2.91 14.23
N TYR B 127 11.36 3.26 12.91
CA TYR B 127 11.22 4.68 12.55
C TYR B 127 9.78 5.13 12.39
N PHE B 128 8.87 4.27 11.89
CA PHE B 128 7.55 4.73 11.48
C PHE B 128 6.43 4.57 12.51
N GLY B 129 6.65 3.77 13.56
CA GLY B 129 5.57 3.49 14.56
C GLY B 129 4.24 3.08 13.96
N GLU B 130 3.18 3.77 14.35
CA GLU B 130 1.84 3.42 13.93
C GLU B 130 1.29 4.32 12.83
N GLN B 131 2.14 5.10 12.17
CA GLN B 131 1.68 6.00 11.17
C GLN B 131 0.81 5.30 10.04
N TYR B 132 1.19 4.09 9.65
CA TYR B 132 0.52 3.37 8.53
C TYR B 132 -0.50 2.35 9.00
N GLY B 133 -0.36 1.97 10.26
CA GLY B 133 -1.26 0.99 10.83
C GLY B 133 -0.52 0.24 11.92
N ASN B 134 -1.01 -0.92 12.25
CA ASN B 134 -0.44 -1.72 13.35
C ASN B 134 -0.76 -3.19 13.07
N ALA B 135 0.00 -3.76 12.19
CA ALA B 135 -0.22 -5.15 11.64
C ALA B 135 0.93 -6.01 12.14
N GLU B 136 0.67 -6.73 13.23
CA GLU B 136 1.77 -7.45 13.85
C GLU B 136 2.29 -8.52 12.89
N TRP B 137 3.62 -8.63 12.87
CA TRP B 137 4.26 -9.64 12.04
C TRP B 137 3.59 -10.99 12.23
N PRO B 138 3.32 -11.72 11.18
CA PRO B 138 3.71 -11.56 9.72
C PRO B 138 2.69 -10.76 8.87
N ALA B 139 1.61 -10.20 9.43
CA ALA B 139 0.57 -9.49 8.64
C ALA B 139 1.10 -8.26 7.96
N CYS B 140 2.19 -7.67 8.48
CA CYS B 140 2.76 -6.46 7.85
C CYS B 140 3.47 -6.87 6.51
N GLY B 141 3.85 -8.15 6.45
CA GLY B 141 4.67 -8.61 5.31
C GLY B 141 6.20 -8.46 5.55
N GLU B 142 6.96 -9.39 4.98
CA GLU B 142 8.44 -9.36 5.05
C GLU B 142 8.94 -9.89 3.72
N ILE B 143 9.92 -9.16 3.12
CA ILE B 143 10.62 -9.70 1.96
C ILE B 143 12.10 -9.85 2.36
N ASP B 144 12.61 -11.04 2.34
CA ASP B 144 14.07 -11.23 2.61
C ASP B 144 14.77 -11.22 1.30
N ILE B 145 15.43 -10.11 0.95
CA ILE B 145 16.18 -9.98 -0.28
C ILE B 145 17.49 -10.78 -0.21
N LEU B 146 18.10 -10.84 0.96
CA LEU B 146 19.31 -11.60 1.20
C LEU B 146 19.30 -12.03 2.64
N GLU B 147 19.50 -13.34 2.90
CA GLU B 147 20.03 -13.76 4.23
C GLU B 147 21.12 -14.81 3.91
N GLN B 148 22.04 -14.92 4.85
CA GLN B 148 22.92 -16.11 4.89
C GLN B 148 22.79 -16.67 6.31
N ASN B 149 22.74 -18.01 6.35
CA ASN B 149 22.85 -18.69 7.64
C ASN B 149 24.30 -18.65 8.11
N GLY B 150 24.48 -19.06 9.38
CA GLY B 150 25.74 -18.92 10.09
C GLY B 150 26.76 -20.04 9.77
N TRP B 151 26.40 -21.00 8.94
CA TRP B 151 27.37 -22.10 8.74
C TRP B 151 27.68 -22.34 7.23
N ASP B 152 26.74 -22.11 6.34
CA ASP B 152 26.88 -22.39 4.87
C ASP B 152 27.03 -21.02 4.15
N LYS B 153 28.27 -20.58 3.97
CA LYS B 153 28.47 -19.25 3.40
C LYS B 153 28.61 -19.35 1.87
N GLU B 154 28.30 -20.52 1.29
CA GLU B 154 28.27 -20.67 -0.17
C GLU B 154 26.88 -20.68 -0.72
N SER B 155 25.87 -20.32 0.12
CA SER B 155 24.47 -20.31 -0.37
C SER B 155 23.87 -19.04 0.19
N THR B 156 22.94 -18.46 -0.59
CA THR B 156 22.13 -17.34 -0.10
C THR B 156 20.66 -17.70 -0.13
N ILE B 157 19.87 -17.00 0.67
CA ILE B 157 18.42 -17.17 0.84
C ILE B 157 17.72 -15.99 0.26
N ALA B 158 16.57 -16.22 -0.39
CA ALA B 158 15.53 -15.23 -0.67
C ALA B 158 14.28 -15.80 -0.04
N HIS B 159 13.46 -14.96 0.60
CA HIS B 159 12.34 -15.51 1.38
C HIS B 159 11.22 -14.53 1.53
N PHE B 160 10.01 -15.02 1.80
CA PHE B 160 8.82 -14.19 2.03
C PHE B 160 8.07 -14.71 3.21
N HIS B 161 7.63 -13.82 4.06
CA HIS B 161 6.72 -14.18 5.20
C HIS B 161 5.58 -13.22 5.19
N TRP B 162 4.36 -13.75 5.18
CA TRP B 162 3.15 -12.87 5.16
C TRP B 162 1.95 -13.57 5.63
N SER B 163 0.87 -12.84 5.87
CA SER B 163 -0.43 -13.46 6.04
C SER B 163 -1.31 -13.14 4.93
N ASP B 164 -2.03 -14.13 4.44
CA ASP B 164 -3.04 -13.87 3.41
C ASP B 164 -4.09 -12.99 4.06
N LEU B 165 -4.33 -11.80 3.54
CA LEU B 165 -5.14 -10.84 4.32
C LEU B 165 -6.61 -11.24 4.34
N ASN B 166 -7.07 -11.97 3.36
CA ASN B 166 -8.54 -12.34 3.36
C ASN B 166 -8.91 -13.44 4.40
N SER B 167 -7.93 -14.29 4.70
CA SER B 167 -8.18 -15.49 5.51
C SER B 167 -7.33 -15.47 6.77
N ASP B 168 -6.34 -14.60 6.86
CA ASP B 168 -5.39 -14.62 7.92
C ASP B 168 -4.51 -15.84 7.96
N GLU B 169 -4.34 -16.56 6.84
CA GLU B 169 -3.44 -17.77 6.78
C GLU B 169 -1.99 -17.32 6.67
N TYR B 170 -1.08 -17.73 7.58
CA TYR B 170 0.33 -17.46 7.44
C TYR B 170 0.98 -18.22 6.33
N GLN B 171 1.81 -17.50 5.60
CA GLN B 171 2.48 -18.08 4.45
C GLN B 171 3.94 -17.75 4.55
N ASN B 172 4.77 -18.75 4.17
CA ASN B 172 6.25 -18.53 4.13
C ASN B 172 6.90 -19.45 3.16
N LEU B 173 7.63 -18.80 2.28
CA LEU B 173 8.23 -19.59 1.17
C LEU B 173 9.43 -18.84 0.61
N GLY B 174 10.29 -19.54 -0.08
CA GLY B 174 11.41 -18.85 -0.71
C GLY B 174 12.31 -19.86 -1.38
N GLY B 175 13.49 -19.37 -1.73
CA GLY B 175 14.46 -20.20 -2.48
C GLY B 175 15.86 -19.93 -1.97
N THR B 176 16.81 -20.63 -2.58
CA THR B 176 18.22 -20.43 -2.28
C THR B 176 19.02 -20.45 -3.62
N THR B 177 20.26 -19.96 -3.55
CA THR B 177 21.13 -19.99 -4.78
C THR B 177 22.57 -20.09 -4.30
N PRO B 178 23.45 -20.70 -5.09
CA PRO B 178 24.83 -20.74 -4.72
C PRO B 178 25.51 -19.35 -4.89
N ILE B 179 26.53 -19.14 -4.08
CA ILE B 179 27.31 -17.89 -4.21
C ILE B 179 28.75 -18.22 -4.03
N THR B 180 29.51 -17.58 -4.93
CA THR B 180 30.90 -17.70 -4.94
C THR B 180 31.59 -16.46 -4.35
N ASN B 181 32.44 -16.71 -3.34
CA ASN B 181 33.24 -15.65 -2.84
C ASN B 181 32.36 -14.50 -2.33
N ALA B 182 31.40 -14.86 -1.47
CA ALA B 182 30.47 -13.85 -0.93
C ALA B 182 31.05 -12.77 -0.03
N SER B 183 32.19 -13.10 0.64
CA SER B 183 32.84 -12.19 1.51
C SER B 183 33.98 -11.49 0.78
N GLY B 184 34.53 -12.10 -0.28
CA GLY B 184 35.78 -11.53 -0.92
C GLY B 184 35.45 -10.63 -2.11
N SER B 185 34.23 -10.77 -2.68
CA SER B 185 33.84 -10.00 -3.87
C SER B 185 32.47 -9.36 -3.65
N PHE B 186 32.25 -8.14 -4.16
CA PHE B 186 30.96 -7.48 -4.01
C PHE B 186 30.01 -8.23 -4.97
N HIS B 187 28.77 -8.43 -4.50
CA HIS B 187 27.71 -8.89 -5.40
C HIS B 187 26.52 -7.89 -5.19
N VAL B 188 25.59 -7.95 -6.15
CA VAL B 188 24.45 -7.05 -6.06
C VAL B 188 23.18 -7.93 -5.74
N TYR B 189 22.60 -7.62 -4.61
CA TYR B 189 21.37 -8.30 -4.08
C TYR B 189 20.20 -7.42 -4.40
N SER B 190 19.23 -7.93 -5.15
CA SER B 190 18.14 -7.01 -5.57
C SER B 190 16.76 -7.60 -5.46
N LEU B 191 15.77 -6.68 -5.42
CA LEU B 191 14.35 -7.06 -5.45
C LEU B 191 13.69 -6.24 -6.57
N GLU B 192 12.79 -6.83 -7.34
CA GLU B 192 11.97 -6.08 -8.26
C GLU B 192 10.57 -6.39 -7.84
N TRP B 193 9.84 -5.36 -7.43
CA TRP B 193 8.57 -5.51 -6.78
C TRP B 193 7.53 -4.68 -7.48
N ASN B 194 6.48 -5.30 -7.96
CA ASN B 194 5.32 -4.49 -8.47
C ASN B 194 4.07 -5.22 -8.13
N ALA B 195 2.94 -4.71 -8.67
CA ALA B 195 1.69 -5.34 -8.33
C ALA B 195 1.46 -6.77 -8.87
N SER B 196 2.32 -7.15 -9.83
CA SER B 196 2.23 -8.53 -10.39
CA SER B 196 2.20 -8.51 -10.35
C SER B 196 3.07 -9.56 -9.66
N ALA B 197 4.24 -9.17 -9.15
CA ALA B 197 5.17 -10.17 -8.56
C ALA B 197 6.30 -9.48 -7.83
N MET B 198 6.95 -10.27 -6.92
CA MET B 198 8.22 -9.86 -6.27
C MET B 198 9.26 -10.85 -6.76
N LYS B 199 10.35 -10.32 -7.30
CA LYS B 199 11.45 -11.19 -7.81
C LYS B 199 12.71 -10.82 -7.08
N VAL B 200 13.42 -11.78 -6.51
CA VAL B 200 14.69 -11.50 -5.79
C VAL B 200 15.81 -12.10 -6.59
N PHE B 201 16.85 -11.29 -6.81
CA PHE B 201 17.98 -11.70 -7.62
C PHE B 201 19.29 -11.64 -6.85
N LEU B 202 20.22 -12.50 -7.27
CA LEU B 202 21.66 -12.39 -6.86
C LEU B 202 22.36 -12.09 -8.18
N ASP B 203 22.88 -10.90 -8.33
CA ASP B 203 23.39 -10.49 -9.63
C ASP B 203 22.29 -10.66 -10.72
N ASP B 204 22.52 -11.37 -11.81
CA ASP B 204 21.41 -11.54 -12.78
C ASP B 204 20.71 -12.89 -12.64
N THR B 205 20.90 -13.59 -11.51
CA THR B 205 20.28 -14.87 -11.33
C THR B 205 19.03 -14.71 -10.45
N LEU B 206 17.87 -15.09 -11.00
CA LEU B 206 16.62 -15.11 -10.18
C LEU B 206 16.68 -16.17 -9.10
N VAL B 207 16.59 -15.75 -7.84
CA VAL B 207 16.59 -16.74 -6.70
C VAL B 207 15.20 -17.22 -6.43
N TYR B 208 14.23 -16.29 -6.37
CA TYR B 208 12.84 -16.73 -6.17
C TYR B 208 11.88 -15.65 -6.64
N GLU B 209 10.73 -16.05 -7.18
CA GLU B 209 9.69 -15.12 -7.61
C GLU B 209 8.43 -15.51 -6.88
N LEU B 210 7.78 -14.57 -6.20
CA LEU B 210 6.46 -14.81 -5.57
C LEU B 210 5.48 -13.97 -6.32
N LYS B 211 4.42 -14.61 -6.85
CA LYS B 211 3.36 -13.89 -7.53
C LYS B 211 2.59 -12.98 -6.50
N ASN B 212 2.31 -11.74 -6.85
CA ASN B 212 1.63 -10.82 -5.98
C ASN B 212 0.16 -10.87 -6.24
N SER B 213 -0.63 -10.47 -5.27
CA SER B 213 -2.02 -10.31 -5.46
C SER B 213 -2.58 -9.36 -4.39
N GLN B 214 -3.86 -8.98 -4.54
CA GLN B 214 -4.36 -8.02 -3.59
C GLN B 214 -4.47 -8.55 -2.18
N ASN B 215 -4.38 -9.87 -2.03
CA ASN B 215 -4.47 -10.45 -0.69
C ASN B 215 -3.14 -10.57 0.03
N THR B 216 -2.13 -9.92 -0.47
CA THR B 216 -0.90 -9.93 0.28
C THR B 216 -0.67 -8.58 0.92
N PRO B 217 0.30 -8.44 1.83
CA PRO B 217 0.74 -7.13 2.40
C PRO B 217 1.88 -6.52 1.57
N TYR B 218 2.02 -6.97 0.33
CA TYR B 218 3.00 -6.39 -0.59
C TYR B 218 2.39 -5.39 -1.60
N ASN B 219 1.39 -4.63 -1.16
CA ASN B 219 0.78 -3.59 -1.98
C ASN B 219 0.67 -2.29 -1.18
N ALA B 220 1.50 -2.14 -0.14
CA ALA B 220 1.46 -0.98 0.75
C ALA B 220 2.91 -0.71 1.08
N PRO B 221 3.22 0.40 1.75
CA PRO B 221 4.64 0.76 1.79
C PRO B 221 5.45 -0.19 2.67
N HIS B 222 6.69 -0.40 2.22
CA HIS B 222 7.71 -1.11 3.06
C HIS B 222 8.89 -0.24 3.31
N TYR B 223 9.69 -0.57 4.36
CA TYR B 223 11.01 0.05 4.50
C TYR B 223 12.08 -1.01 4.52
N LEU B 224 13.33 -0.56 4.29
CA LEU B 224 14.42 -1.47 4.19
C LEU B 224 15.18 -1.62 5.52
N LEU B 225 15.64 -2.86 5.77
CA LEU B 225 16.44 -3.18 6.95
C LEU B 225 17.77 -3.78 6.50
N LEU B 226 18.80 -3.46 7.33
CA LEU B 226 20.17 -3.97 7.10
C LEU B 226 20.72 -4.36 8.45
N ASN B 227 21.25 -5.60 8.61
CA ASN B 227 21.76 -5.97 9.95
C ASN B 227 22.63 -7.20 9.89
N ILE B 228 23.36 -7.40 11.03
CA ILE B 228 23.96 -8.73 11.25
C ILE B 228 23.42 -9.24 12.56
N ALA B 229 22.67 -10.36 12.54
CA ALA B 229 22.35 -10.99 13.80
C ALA B 229 23.45 -11.98 14.15
N MET B 230 23.53 -12.30 15.46
CA MET B 230 24.49 -13.35 15.90
C MET B 230 23.75 -14.52 16.50
N GLY B 231 24.10 -15.71 16.05
CA GLY B 231 23.44 -16.98 16.56
C GLY B 231 21.92 -16.92 16.20
N GLY B 232 21.11 -17.55 17.08
CA GLY B 232 19.72 -17.67 16.76
C GLY B 232 19.44 -18.70 15.64
N THR B 233 18.17 -18.73 15.20
CA THR B 233 17.66 -19.85 14.38
C THR B 233 18.63 -20.03 13.13
N LEU B 234 18.96 -18.96 12.40
CA LEU B 234 19.85 -19.15 11.24
C LEU B 234 21.28 -18.79 11.48
N GLY B 235 21.65 -18.15 12.61
CA GLY B 235 23.04 -17.94 12.91
C GLY B 235 23.72 -19.23 13.37
N GLY B 236 23.00 -20.03 14.18
CA GLY B 236 23.59 -21.27 14.69
C GLY B 236 24.74 -21.02 15.64
N ASP B 237 25.67 -22.00 15.71
CA ASP B 237 26.74 -21.97 16.71
CA ASP B 237 26.70 -21.94 16.75
C ASP B 237 27.76 -20.89 16.35
N ILE B 238 28.19 -20.13 17.35
CA ILE B 238 29.20 -19.09 17.20
C ILE B 238 30.53 -19.64 17.77
N PRO B 239 31.59 -19.50 17.02
CA PRO B 239 32.94 -19.94 17.60
C PRO B 239 33.17 -19.33 18.94
N GLU B 240 33.76 -20.10 19.84
CA GLU B 240 34.09 -19.58 21.17
C GLU B 240 34.92 -18.36 21.22
N ASN B 241 35.83 -18.20 20.26
CA ASN B 241 36.68 -17.05 20.29
C ASN B 241 36.42 -16.04 19.16
N PHE B 242 35.16 -16.04 18.72
CA PHE B 242 34.74 -15.00 17.81
C PHE B 242 35.22 -13.63 18.37
N THR B 243 35.80 -12.83 17.48
CA THR B 243 36.18 -11.45 17.79
C THR B 243 35.15 -10.45 17.23
N ASP B 244 35.14 -10.28 15.91
CA ASP B 244 34.21 -9.35 15.25
C ASP B 244 34.14 -9.66 13.76
N ASP B 245 33.09 -9.21 13.09
CA ASP B 245 33.07 -9.37 11.63
C ASP B 245 32.25 -8.26 10.98
N ILE B 246 32.41 -8.12 9.64
CA ILE B 246 31.90 -6.95 8.92
C ILE B 246 30.97 -7.40 7.78
N PHE B 247 29.90 -6.64 7.69
CA PHE B 247 29.02 -6.70 6.46
C PHE B 247 29.26 -5.35 5.73
N GLU B 248 29.83 -5.42 4.52
CA GLU B 248 30.33 -4.19 3.84
C GLU B 248 29.37 -3.92 2.67
N ILE B 249 28.81 -2.70 2.72
CA ILE B 249 27.90 -2.30 1.70
C ILE B 249 28.36 -1.07 0.91
N ASP B 250 28.54 -1.30 -0.41
CA ASP B 250 29.00 -0.20 -1.32
C ASP B 250 27.89 0.81 -1.52
N TYR B 251 26.63 0.32 -1.75
CA TYR B 251 25.55 1.28 -2.00
C TYR B 251 24.19 0.61 -1.80
N VAL B 252 23.22 1.43 -1.49
CA VAL B 252 21.80 1.11 -1.60
C VAL B 252 21.21 2.00 -2.62
N ARG B 253 20.44 1.45 -3.54
CA ARG B 253 19.74 2.25 -4.59
C ARG B 253 18.30 1.73 -4.67
N ILE B 254 17.30 2.61 -4.59
CA ILE B 254 15.92 2.26 -4.78
C ILE B 254 15.31 3.04 -5.93
N TYR B 255 14.76 2.34 -6.92
CA TYR B 255 14.15 2.93 -8.10
C TYR B 255 12.68 2.64 -8.14
N GLN B 256 11.89 3.58 -8.75
CA GLN B 256 10.50 3.26 -9.04
C GLN B 256 10.16 3.48 -10.54
CA CA C . -20.39 -1.40 -21.96
C1 GOL D . -17.64 12.15 -1.34
O1 GOL D . -17.18 12.34 -0.07
C2 GOL D . -18.44 10.79 -1.25
O2 GOL D . -19.57 10.72 -0.23
C3 GOL D . -18.93 10.57 -2.68
O3 GOL D . -19.80 11.68 -3.11
CA CA E . 29.98 3.19 -2.33
C1 GOL F . 14.32 -12.79 8.78
O1 GOL F . 13.10 -13.01 9.34
C2 GOL F . 14.85 -11.53 9.54
O2 GOL F . 14.95 -11.60 11.08
C3 GOL F . 16.12 -11.15 8.82
O3 GOL F . 17.10 -12.21 8.96
#